data_1Q8Q
#
_entry.id   1Q8Q
#
_cell.length_a   57.28
_cell.length_b   83.37
_cell.length_c   122.96
_cell.angle_alpha   90.0
_cell.angle_beta   90.0
_cell.angle_gamma   90.0
#
_symmetry.space_group_name_H-M   'P 21 21 21'
#
loop_
_entity.id
_entity.type
_entity.pdbx_description
1 polymer lectin
2 branched 'alpha-D-mannopyranose-(1-4)-methyl alpha-D-mannopyranoside'
3 non-polymer 'MANGANESE (II) ION'
4 non-polymer 'CALCIUM ION'
5 water water
#
_entity_poly.entity_id   1
_entity_poly.type   'polypeptide(L)'
_entity_poly.pdbx_seq_one_letter_code
;(PCA)DSLSFGFPTFPSDQKNLIFQGDAQIKNNAVQLTKTDSNGNPVASTVGRILFSAQVHLWEKSSSRVANFQSQFSFS
LKSPLSNGADGIAFFIAPPDTTIPSGSGGGLLGLFAPGTAQNTSANQVIAVEFDTFYAQDSNTWDPNYPHIGIDVNSIRS
VKTVKWDRRDGQSLNVLVTFNPSTRNLDVVATYSDGTRYEVSYEVDVRSVLPEWVRVGFSAASGEQYQTHTLESWSFTST
LLYTAQKKGENLALEM
;
_entity_poly.pdbx_strand_id   A,B
#
# COMPACT_ATOMS: atom_id res chain seq x y z
N ASP A 2 -4.73 -9.60 -2.24
CA ASP A 2 -4.93 -10.63 -1.25
C ASP A 2 -3.89 -10.44 -0.14
N SER A 3 -2.73 -9.90 -0.51
CA SER A 3 -1.66 -9.67 0.45
C SER A 3 -1.13 -8.24 0.34
N LEU A 4 -0.69 -7.71 1.47
CA LEU A 4 -0.16 -6.35 1.55
C LEU A 4 0.79 -6.23 2.73
N SER A 5 1.89 -5.50 2.53
CA SER A 5 2.82 -5.27 3.62
C SER A 5 3.63 -4.01 3.36
N PHE A 6 4.06 -3.37 4.45
CA PHE A 6 4.85 -2.14 4.36
C PHE A 6 5.69 -2.00 5.62
N GLY A 7 6.79 -1.26 5.52
CA GLY A 7 7.65 -1.08 6.67
C GLY A 7 8.26 0.30 6.79
N PHE A 8 8.14 0.87 7.99
CA PHE A 8 8.70 2.18 8.30
C PHE A 8 9.75 2.00 9.40
N PRO A 9 11.04 1.83 9.04
CA PRO A 9 12.08 1.66 10.05
C PRO A 9 12.18 2.95 10.88
N THR A 10 11.94 4.07 10.22
CA THR A 10 11.94 5.40 10.82
C THR A 10 10.88 6.18 10.05
N PHE A 11 10.63 7.42 10.47
CA PHE A 11 9.62 8.24 9.82
C PHE A 11 10.15 9.58 9.30
N PRO A 12 10.76 9.59 8.10
CA PRO A 12 11.28 10.84 7.53
C PRO A 12 10.12 11.82 7.30
N SER A 13 10.42 13.11 7.28
CA SER A 13 9.39 14.12 7.11
C SER A 13 8.53 14.10 5.84
N ASP A 14 9.07 13.65 4.72
CA ASP A 14 8.25 13.63 3.49
C ASP A 14 7.46 12.34 3.34
N GLN A 15 6.30 12.27 3.97
CA GLN A 15 5.45 11.09 3.88
C GLN A 15 4.41 11.30 2.78
N LYS A 16 4.01 10.20 2.14
CA LYS A 16 3.01 10.27 1.07
C LYS A 16 1.82 9.35 1.32
N ASN A 17 2.04 8.27 2.06
CA ASN A 17 0.97 7.30 2.31
C ASN A 17 0.40 7.26 3.71
N LEU A 18 0.53 8.35 4.46
CA LEU A 18 -0.01 8.41 5.79
C LEU A 18 -1.10 9.46 5.91
N ILE A 19 -2.18 9.10 6.57
CA ILE A 19 -3.29 10.01 6.80
C ILE A 19 -3.12 10.51 8.23
N PHE A 20 -2.90 11.82 8.35
CA PHE A 20 -2.70 12.46 9.65
C PHE A 20 -4.01 13.08 10.10
N GLN A 21 -4.43 12.76 11.32
CA GLN A 21 -5.65 13.32 11.87
C GLN A 21 -5.34 13.95 13.23
N GLY A 22 -5.99 15.05 13.56
CA GLY A 22 -5.73 15.69 14.85
C GLY A 22 -4.38 16.39 14.87
N ASP A 23 -3.66 16.25 15.98
CA ASP A 23 -2.37 16.90 16.14
C ASP A 23 -1.16 16.09 15.69
N ALA A 24 -1.38 14.92 15.11
CA ALA A 24 -0.26 14.07 14.68
C ALA A 24 0.64 14.67 13.62
N GLN A 25 1.96 14.49 13.79
CA GLN A 25 2.92 15.00 12.81
C GLN A 25 4.30 14.40 13.00
N ILE A 26 5.14 14.55 11.98
CA ILE A 26 6.49 14.02 12.02
C ILE A 26 7.49 15.02 12.61
N LYS A 27 8.34 14.54 13.50
CA LYS A 27 9.35 15.35 14.13
C LYS A 27 10.53 14.47 14.52
N ASN A 28 11.72 14.80 14.03
CA ASN A 28 12.93 14.04 14.33
C ASN A 28 12.85 12.58 13.93
N ASN A 29 12.36 12.32 12.72
CA ASN A 29 12.24 10.97 12.17
C ASN A 29 11.34 10.01 12.94
N ALA A 30 10.38 10.55 13.68
CA ALA A 30 9.43 9.75 14.43
C ALA A 30 8.08 10.43 14.35
N VAL A 31 7.01 9.72 14.67
CA VAL A 31 5.69 10.31 14.62
C VAL A 31 5.24 10.74 16.02
N GLN A 32 5.03 12.05 16.20
CA GLN A 32 4.56 12.57 17.47
C GLN A 32 3.06 12.62 17.36
N LEU A 33 2.38 11.60 17.93
CA LEU A 33 0.93 11.55 17.87
C LEU A 33 0.25 12.71 18.57
N THR A 34 0.80 13.12 19.71
CA THR A 34 0.24 14.23 20.47
C THR A 34 1.10 15.49 20.38
N LYS A 35 0.44 16.64 20.49
CA LYS A 35 1.09 17.94 20.40
C LYS A 35 2.17 18.21 21.44
N THR A 36 3.23 18.90 21.00
CA THR A 36 4.34 19.27 21.89
C THR A 36 4.65 20.74 21.60
N ASP A 37 5.31 21.42 22.54
CA ASP A 37 5.64 22.82 22.32
C ASP A 37 6.98 22.97 21.60
N SER A 38 7.40 24.22 21.40
CA SER A 38 8.65 24.54 20.72
C SER A 38 9.86 23.81 21.29
N ASN A 39 9.81 23.52 22.59
CA ASN A 39 10.91 22.84 23.26
C ASN A 39 10.78 21.32 23.17
N GLY A 40 9.67 20.85 22.61
CA GLY A 40 9.47 19.42 22.48
C GLY A 40 8.81 18.82 23.71
N ASN A 41 8.23 19.68 24.53
CA ASN A 41 7.57 19.25 25.76
C ASN A 41 6.09 18.98 25.50
N PRO A 42 5.56 17.90 26.10
CA PRO A 42 4.16 17.49 25.96
C PRO A 42 3.19 18.53 26.52
N VAL A 43 2.03 18.66 25.87
CA VAL A 43 1.02 19.61 26.31
C VAL A 43 -0.29 18.87 26.58
N ALA A 44 -1.18 19.51 27.33
CA ALA A 44 -2.47 18.92 27.67
C ALA A 44 -3.48 19.15 26.55
N SER A 45 -4.59 18.42 26.63
CA SER A 45 -5.69 18.54 25.67
C SER A 45 -5.27 18.40 24.22
N THR A 46 -4.79 17.22 23.87
CA THR A 46 -4.35 16.97 22.51
C THR A 46 -4.69 15.53 22.09
N VAL A 47 -5.06 15.38 20.82
CA VAL A 47 -5.39 14.07 20.26
C VAL A 47 -4.79 14.00 18.86
N GLY A 48 -4.32 12.83 18.46
CA GLY A 48 -3.74 12.67 17.14
C GLY A 48 -3.79 11.22 16.72
N ARG A 49 -3.88 10.97 15.42
CA ARG A 49 -3.90 9.60 14.92
C ARG A 49 -3.29 9.59 13.53
N ILE A 50 -2.91 8.40 13.06
CA ILE A 50 -2.37 8.22 11.72
C ILE A 50 -2.92 6.90 11.23
N LEU A 51 -3.14 6.82 9.92
CA LEU A 51 -3.67 5.62 9.30
C LEU A 51 -2.88 5.42 8.01
N PHE A 52 -2.70 4.18 7.59
CA PHE A 52 -1.99 3.95 6.34
C PHE A 52 -3.07 4.18 5.28
N SER A 53 -2.69 4.81 4.16
CA SER A 53 -3.65 5.12 3.11
C SER A 53 -4.30 3.92 2.41
N ALA A 54 -3.52 2.89 2.09
CA ALA A 54 -4.09 1.73 1.41
C ALA A 54 -4.97 0.92 2.34
N GLN A 55 -6.16 0.55 1.86
CA GLN A 55 -7.09 -0.25 2.64
C GLN A 55 -6.63 -1.70 2.68
N VAL A 56 -6.92 -2.36 3.80
CA VAL A 56 -6.55 -3.76 4.00
C VAL A 56 -7.75 -4.68 3.83
N HIS A 57 -7.59 -5.74 3.03
CA HIS A 57 -8.69 -6.68 2.83
C HIS A 57 -8.62 -7.68 3.97
N LEU A 58 -9.35 -7.39 5.05
CA LEU A 58 -9.37 -8.22 6.26
C LEU A 58 -10.06 -9.56 6.08
N TRP A 59 -11.15 -9.58 5.33
CA TRP A 59 -11.85 -10.84 5.05
C TRP A 59 -12.67 -10.72 3.77
N GLU A 60 -12.98 -11.86 3.17
CA GLU A 60 -13.72 -11.90 1.92
C GLU A 60 -14.85 -12.91 2.02
N LYS A 61 -16.08 -12.41 1.96
CA LYS A 61 -17.26 -13.25 2.04
C LYS A 61 -17.39 -14.28 0.91
N SER A 62 -17.28 -13.83 -0.33
CA SER A 62 -17.40 -14.72 -1.48
C SER A 62 -16.52 -15.96 -1.41
N SER A 63 -15.28 -15.80 -0.94
CA SER A 63 -14.34 -16.93 -0.85
C SER A 63 -14.26 -17.54 0.53
N SER A 64 -14.91 -16.90 1.51
CA SER A 64 -14.89 -17.40 2.87
C SER A 64 -13.48 -17.40 3.46
N ARG A 65 -12.67 -16.41 3.10
CA ARG A 65 -11.32 -16.31 3.61
C ARG A 65 -11.21 -15.18 4.64
N VAL A 66 -10.24 -15.30 5.54
CA VAL A 66 -10.00 -14.29 6.56
C VAL A 66 -8.50 -14.07 6.60
N ALA A 67 -8.10 -12.81 6.76
CA ALA A 67 -6.68 -12.49 6.78
C ALA A 67 -5.93 -12.83 8.05
N ASN A 68 -4.66 -13.19 7.87
CA ASN A 68 -3.74 -13.47 8.94
C ASN A 68 -2.85 -12.24 8.89
N PHE A 69 -2.76 -11.49 9.99
CA PHE A 69 -1.94 -10.28 9.96
C PHE A 69 -1.00 -10.14 11.15
N GLN A 70 0.02 -9.32 10.96
CA GLN A 70 1.01 -9.09 12.00
C GLN A 70 1.42 -7.63 11.95
N SER A 71 1.47 -7.00 13.12
CA SER A 71 1.86 -5.61 13.20
C SER A 71 2.95 -5.48 14.26
N GLN A 72 4.10 -4.96 13.83
CA GLN A 72 5.23 -4.79 14.72
C GLN A 72 5.58 -3.31 14.79
N PHE A 73 5.74 -2.80 16.00
CA PHE A 73 6.04 -1.38 16.17
C PHE A 73 6.68 -1.09 17.51
N SER A 74 7.29 0.09 17.64
CA SER A 74 7.92 0.49 18.88
C SER A 74 7.57 1.95 19.16
N PHE A 75 7.39 2.27 20.43
CA PHE A 75 7.07 3.64 20.82
C PHE A 75 7.67 3.93 22.19
N SER A 76 7.73 5.21 22.53
CA SER A 76 8.25 5.62 23.83
C SER A 76 7.38 6.76 24.35
N LEU A 77 7.33 6.88 25.68
CA LEU A 77 6.53 7.93 26.30
C LEU A 77 7.45 8.72 27.22
N LYS A 78 7.32 10.04 27.21
CA LYS A 78 8.15 10.90 28.05
C LYS A 78 7.29 12.01 28.64
N SER A 79 7.55 12.32 29.90
CA SER A 79 6.78 13.36 30.58
C SER A 79 7.46 13.84 31.85
N PRO A 80 7.52 15.17 32.05
CA PRO A 80 8.14 15.76 33.24
C PRO A 80 7.33 15.33 34.47
N LEU A 81 6.06 15.03 34.24
CA LEU A 81 5.15 14.59 35.29
C LEU A 81 5.41 13.10 35.52
N SER A 82 4.89 12.56 36.61
CA SER A 82 5.07 11.14 36.90
C SER A 82 3.74 10.43 36.68
N ASN A 83 2.73 11.21 36.32
CA ASN A 83 1.39 10.71 36.06
C ASN A 83 1.07 10.97 34.59
N GLY A 84 1.93 10.49 33.70
CA GLY A 84 1.70 10.69 32.28
C GLY A 84 0.39 10.08 31.80
N ALA A 85 -0.28 10.78 30.88
CA ALA A 85 -1.55 10.31 30.33
C ALA A 85 -1.65 10.72 28.86
N ASP A 86 -2.52 10.07 28.09
CA ASP A 86 -3.40 9.00 28.56
C ASP A 86 -3.07 7.63 28.00
N GLY A 87 -2.35 7.60 26.88
CA GLY A 87 -1.99 6.32 26.30
C GLY A 87 -2.03 6.30 24.78
N ILE A 88 -1.43 5.26 24.22
CA ILE A 88 -1.37 5.11 22.77
C ILE A 88 -2.03 3.78 22.40
N ALA A 89 -2.60 3.71 21.20
CA ALA A 89 -3.26 2.48 20.78
C ALA A 89 -3.14 2.18 19.30
N PHE A 90 -2.97 0.91 18.99
CA PHE A 90 -2.92 0.43 17.62
C PHE A 90 -4.38 0.05 17.36
N PHE A 91 -4.95 0.47 16.23
CA PHE A 91 -6.34 0.11 15.98
C PHE A 91 -6.66 -0.25 14.54
N ILE A 92 -7.80 -0.92 14.37
CA ILE A 92 -8.28 -1.34 13.06
C ILE A 92 -9.75 -0.89 13.02
N ALA A 93 -10.15 -0.24 11.94
CA ALA A 93 -11.51 0.27 11.84
C ALA A 93 -11.93 0.49 10.38
N PRO A 94 -13.22 0.80 10.14
CA PRO A 94 -13.68 1.04 8.77
C PRO A 94 -12.79 2.11 8.16
N PRO A 95 -12.60 2.07 6.83
CA PRO A 95 -11.75 3.02 6.12
C PRO A 95 -12.04 4.52 6.29
N ASP A 96 -13.30 4.88 6.52
CA ASP A 96 -13.64 6.29 6.65
C ASP A 96 -13.58 6.84 8.08
N THR A 97 -13.03 6.06 9.00
CA THR A 97 -12.95 6.48 10.39
C THR A 97 -12.28 7.84 10.60
N THR A 98 -12.85 8.62 11.52
CA THR A 98 -12.33 9.94 11.87
C THR A 98 -12.40 10.08 13.40
N ILE A 99 -11.68 11.06 13.94
CA ILE A 99 -11.67 11.30 15.38
C ILE A 99 -13.07 11.68 15.85
N PRO A 100 -13.70 10.85 16.69
CA PRO A 100 -15.04 11.14 17.19
C PRO A 100 -15.05 12.40 18.06
N SER A 101 -16.16 13.13 18.04
CA SER A 101 -16.29 14.34 18.84
C SER A 101 -16.19 14.03 20.33
N GLY A 102 -15.32 14.77 21.03
CA GLY A 102 -15.14 14.57 22.46
C GLY A 102 -14.47 13.27 22.87
N SER A 103 -13.67 12.70 21.98
CA SER A 103 -12.99 11.43 22.27
C SER A 103 -11.61 11.62 22.90
N GLY A 104 -11.37 12.77 23.49
CA GLY A 104 -10.09 13.03 24.11
C GLY A 104 -9.82 12.30 25.41
N GLY A 105 -8.70 12.62 26.04
CA GLY A 105 -8.33 11.99 27.30
C GLY A 105 -8.34 10.48 27.31
N GLY A 106 -9.07 9.93 28.27
CA GLY A 106 -9.16 8.48 28.42
C GLY A 106 -9.88 7.70 27.33
N LEU A 107 -10.53 8.41 26.40
CA LEU A 107 -11.22 7.73 25.32
C LEU A 107 -10.24 7.50 24.16
N LEU A 108 -9.00 7.91 24.40
CA LEU A 108 -7.88 7.72 23.47
C LEU A 108 -8.06 8.14 22.02
N GLY A 109 -9.12 8.91 21.72
CA GLY A 109 -9.35 9.35 20.36
C GLY A 109 -10.03 8.27 19.51
N LEU A 110 -10.53 7.23 20.18
CA LEU A 110 -11.19 6.13 19.49
C LEU A 110 -12.71 6.04 19.68
N PHE A 111 -13.21 6.48 20.83
CA PHE A 111 -14.65 6.39 21.07
C PHE A 111 -15.30 7.69 21.43
N ALA A 112 -16.61 7.76 21.20
CA ALA A 112 -17.40 8.94 21.53
C ALA A 112 -17.91 8.71 22.95
N PRO A 113 -18.00 9.77 23.76
CA PRO A 113 -18.46 9.66 25.15
C PRO A 113 -19.78 8.91 25.33
N GLY A 114 -20.81 9.34 24.63
CA GLY A 114 -22.12 8.72 24.76
C GLY A 114 -22.24 7.25 24.43
N THR A 115 -21.30 6.71 23.66
CA THR A 115 -21.36 5.31 23.27
C THR A 115 -20.05 4.54 23.48
N ALA A 116 -19.16 5.09 24.29
CA ALA A 116 -17.87 4.47 24.54
C ALA A 116 -17.95 3.03 25.03
N GLN A 117 -19.04 2.67 25.71
CA GLN A 117 -19.18 1.31 26.21
C GLN A 117 -20.32 0.53 25.57
N ASN A 118 -20.88 1.06 24.49
CA ASN A 118 -21.98 0.39 23.79
C ASN A 118 -21.33 -0.42 22.65
N THR A 119 -21.18 -1.73 22.86
CA THR A 119 -20.55 -2.58 21.86
C THR A 119 -21.27 -2.64 20.52
N SER A 120 -22.59 -2.48 20.53
CA SER A 120 -23.35 -2.53 19.29
C SER A 120 -23.35 -1.21 18.53
N ALA A 121 -22.68 -0.20 19.07
CA ALA A 121 -22.64 1.10 18.41
C ALA A 121 -21.28 1.43 17.81
N ASN A 122 -20.30 0.54 18.00
CA ASN A 122 -18.96 0.77 17.49
C ASN A 122 -18.47 -0.33 16.55
N GLN A 123 -17.42 0.00 15.80
CA GLN A 123 -16.76 -0.94 14.89
C GLN A 123 -15.27 -0.63 14.98
N VAL A 124 -14.61 -1.26 15.94
CA VAL A 124 -13.20 -1.03 16.13
C VAL A 124 -12.59 -2.10 17.01
N ILE A 125 -11.35 -2.44 16.70
CA ILE A 125 -10.58 -3.39 17.47
C ILE A 125 -9.30 -2.63 17.72
N ALA A 126 -8.83 -2.63 18.96
CA ALA A 126 -7.61 -1.90 19.29
C ALA A 126 -6.81 -2.53 20.42
N VAL A 127 -5.51 -2.25 20.42
CA VAL A 127 -4.62 -2.74 21.46
C VAL A 127 -4.11 -1.47 22.13
N GLU A 128 -4.59 -1.22 23.34
CA GLU A 128 -4.20 -0.04 24.07
C GLU A 128 -3.08 -0.24 25.09
N PHE A 129 -2.32 0.83 25.30
CA PHE A 129 -1.25 0.87 26.29
C PHE A 129 -1.70 2.07 27.10
N ASP A 130 -2.46 1.78 28.14
CA ASP A 130 -3.10 2.76 29.01
C ASP A 130 -2.30 3.08 30.27
N THR A 131 -1.90 4.34 30.41
CA THR A 131 -1.11 4.76 31.58
C THR A 131 -1.88 5.56 32.62
N PHE A 132 -3.14 5.86 32.37
CA PHE A 132 -3.92 6.64 33.33
C PHE A 132 -5.18 5.88 33.65
N TYR A 133 -5.41 5.64 34.93
CA TYR A 133 -6.56 4.85 35.37
C TYR A 133 -7.35 5.41 36.54
N ALA A 134 -7.30 6.73 36.76
CA ALA A 134 -8.04 7.34 37.86
C ALA A 134 -9.50 6.92 37.76
N GLN A 135 -9.99 6.24 38.79
CA GLN A 135 -11.34 5.71 38.84
C GLN A 135 -12.47 6.74 38.77
N ASP A 136 -12.15 8.02 38.87
CA ASP A 136 -13.20 9.04 38.81
C ASP A 136 -13.48 9.43 37.36
N SER A 137 -12.45 9.47 36.53
CA SER A 137 -12.60 9.82 35.12
C SER A 137 -12.56 8.59 34.19
N ASN A 138 -11.73 7.60 34.54
CA ASN A 138 -11.63 6.38 33.74
C ASN A 138 -12.24 5.23 34.52
N THR A 139 -13.54 5.34 34.79
CA THR A 139 -14.28 4.34 35.57
C THR A 139 -14.25 2.92 35.02
N TRP A 140 -13.99 2.77 33.73
CA TRP A 140 -13.95 1.47 33.09
C TRP A 140 -12.62 0.73 33.26
N ASP A 141 -11.58 1.44 33.70
CA ASP A 141 -10.25 0.84 33.86
C ASP A 141 -9.93 0.11 35.14
N PRO A 142 -9.05 -0.91 35.05
CA PRO A 142 -8.63 -1.67 36.23
C PRO A 142 -7.79 -0.63 36.95
N ASN A 143 -7.53 -0.80 38.24
CA ASN A 143 -6.78 0.20 38.97
C ASN A 143 -5.25 0.08 38.93
N TYR A 144 -4.69 0.16 37.73
CA TYR A 144 -3.24 0.09 37.51
C TYR A 144 -2.92 0.20 36.02
N PRO A 145 -1.71 0.67 35.68
CA PRO A 145 -1.36 0.80 34.26
C PRO A 145 -1.54 -0.56 33.59
N HIS A 146 -1.91 -0.56 32.32
CA HIS A 146 -2.16 -1.83 31.65
C HIS A 146 -2.16 -1.79 30.13
N ILE A 147 -2.14 -2.99 29.56
CA ILE A 147 -2.22 -3.18 28.11
C ILE A 147 -3.55 -3.88 27.97
N GLY A 148 -4.39 -3.43 27.04
CA GLY A 148 -5.66 -4.10 26.91
C GLY A 148 -6.10 -4.29 25.48
N ILE A 149 -6.99 -5.25 25.29
CA ILE A 149 -7.56 -5.53 23.98
C ILE A 149 -8.98 -4.95 24.05
N ASP A 150 -9.28 -4.06 23.11
CA ASP A 150 -10.58 -3.40 23.06
C ASP A 150 -11.37 -3.86 21.83
N VAL A 151 -12.57 -4.37 22.06
CA VAL A 151 -13.43 -4.81 20.98
C VAL A 151 -14.76 -4.06 21.08
N ASN A 152 -14.89 -3.00 20.30
CA ASN A 152 -16.08 -2.14 20.26
C ASN A 152 -16.44 -1.41 21.56
N SER A 153 -15.48 -1.32 22.48
CA SER A 153 -15.71 -0.63 23.74
C SER A 153 -14.39 -0.19 24.38
N ILE A 154 -14.43 0.92 25.10
CA ILE A 154 -13.23 1.41 25.77
C ILE A 154 -12.95 0.51 26.97
N ARG A 155 -13.94 -0.31 27.35
CA ARG A 155 -13.73 -1.25 28.45
C ARG A 155 -13.19 -2.53 27.85
N SER A 156 -11.88 -2.72 28.00
CA SER A 156 -11.20 -3.88 27.45
C SER A 156 -11.85 -5.22 27.78
N VAL A 157 -11.84 -6.12 26.81
CA VAL A 157 -12.39 -7.45 27.02
C VAL A 157 -11.34 -8.25 27.79
N LYS A 158 -10.10 -7.77 27.76
CA LYS A 158 -9.00 -8.41 28.48
C LYS A 158 -7.83 -7.46 28.66
N THR A 159 -7.17 -7.54 29.82
CA THR A 159 -6.03 -6.68 30.13
C THR A 159 -4.95 -7.43 30.88
N VAL A 160 -3.76 -6.82 30.94
CA VAL A 160 -2.65 -7.40 31.70
C VAL A 160 -1.95 -6.20 32.32
N LYS A 161 -1.50 -6.34 33.57
CA LYS A 161 -0.81 -5.24 34.22
C LYS A 161 0.46 -4.91 33.44
N TRP A 162 0.77 -3.63 33.34
CA TRP A 162 1.94 -3.17 32.59
C TRP A 162 2.68 -2.05 33.34
N ASP A 163 3.97 -1.90 33.06
CA ASP A 163 4.77 -0.88 33.70
C ASP A 163 5.22 0.21 32.73
N ARG A 164 4.90 1.46 33.05
CA ARG A 164 5.28 2.59 32.22
C ARG A 164 6.72 2.99 32.56
N ARG A 165 7.57 3.11 31.56
CA ARG A 165 8.96 3.52 31.79
C ARG A 165 9.25 4.76 30.97
N ASP A 166 9.40 5.88 31.67
CA ASP A 166 9.65 7.15 31.00
C ASP A 166 10.85 7.09 30.06
N GLY A 167 10.63 7.49 28.82
CA GLY A 167 11.73 7.53 27.85
C GLY A 167 12.26 6.23 27.28
N GLN A 168 11.73 5.08 27.70
CA GLN A 168 12.22 3.81 27.15
C GLN A 168 11.30 3.27 26.07
N SER A 169 11.90 2.83 24.97
CA SER A 169 11.14 2.29 23.85
C SER A 169 10.57 0.91 24.16
N LEU A 170 9.31 0.70 23.80
CA LEU A 170 8.66 -0.58 24.01
C LEU A 170 8.44 -1.21 22.64
N ASN A 171 8.91 -2.44 22.48
CA ASN A 171 8.75 -3.16 21.22
C ASN A 171 7.53 -4.05 21.30
N VAL A 172 6.63 -3.91 20.34
CA VAL A 172 5.39 -4.67 20.34
C VAL A 172 5.12 -5.48 19.08
N LEU A 173 4.57 -6.67 19.28
CA LEU A 173 4.19 -7.57 18.20
C LEU A 173 2.73 -7.97 18.39
N VAL A 174 1.89 -7.65 17.41
CA VAL A 174 0.47 -7.99 17.46
C VAL A 174 0.21 -8.94 16.30
N THR A 175 -0.37 -10.10 16.59
CA THR A 175 -0.64 -11.10 15.56
C THR A 175 -2.08 -11.61 15.62
N PHE A 176 -2.66 -11.88 14.47
CA PHE A 176 -4.00 -12.44 14.42
C PHE A 176 -3.95 -13.69 13.56
N ASN A 177 -4.35 -14.82 14.14
CA ASN A 177 -4.37 -16.10 13.44
C ASN A 177 -5.84 -16.44 13.10
N PRO A 178 -6.21 -16.39 11.81
CA PRO A 178 -7.58 -16.69 11.41
C PRO A 178 -8.00 -18.14 11.70
N SER A 179 -7.02 -19.03 11.74
CA SER A 179 -7.27 -20.44 11.99
C SER A 179 -7.82 -20.67 13.41
N THR A 180 -7.21 -20.01 14.38
CA THR A 180 -7.61 -20.14 15.79
C THR A 180 -8.42 -18.94 16.28
N ARG A 181 -8.40 -17.87 15.50
CA ARG A 181 -9.10 -16.64 15.85
C ARG A 181 -8.50 -15.95 17.06
N ASN A 182 -7.25 -16.27 17.37
CA ASN A 182 -6.58 -15.64 18.50
C ASN A 182 -5.82 -14.38 18.09
N LEU A 183 -6.06 -13.31 18.84
CA LEU A 183 -5.36 -12.05 18.63
C LEU A 183 -4.34 -12.03 19.75
N ASP A 184 -3.05 -12.12 19.40
CA ASP A 184 -1.98 -12.15 20.41
C ASP A 184 -1.14 -10.88 20.44
N VAL A 185 -0.84 -10.44 21.65
CA VAL A 185 -0.03 -9.25 21.85
C VAL A 185 1.18 -9.59 22.74
N VAL A 186 2.37 -9.21 22.28
CA VAL A 186 3.60 -9.43 23.02
C VAL A 186 4.39 -8.11 23.02
N ALA A 187 4.68 -7.60 24.21
CA ALA A 187 5.43 -6.34 24.33
C ALA A 187 6.66 -6.56 25.20
N THR A 188 7.79 -5.96 24.81
CA THR A 188 9.01 -6.12 25.57
C THR A 188 9.89 -4.87 25.64
N TYR A 189 10.55 -4.69 26.77
CA TYR A 189 11.48 -3.58 26.94
C TYR A 189 12.86 -4.14 26.60
N SER A 190 13.81 -3.28 26.27
CA SER A 190 15.15 -3.74 25.89
C SER A 190 15.85 -4.67 26.87
N ASP A 191 15.47 -4.63 28.15
CA ASP A 191 16.12 -5.49 29.13
C ASP A 191 15.50 -6.88 29.20
N GLY A 192 14.51 -7.13 28.35
CA GLY A 192 13.87 -8.43 28.32
C GLY A 192 12.54 -8.50 29.06
N THR A 193 12.17 -7.46 29.80
CA THR A 193 10.89 -7.49 30.51
C THR A 193 9.81 -7.69 29.45
N ARG A 194 8.98 -8.71 29.64
CA ARG A 194 7.96 -9.08 28.68
C ARG A 194 6.52 -9.12 29.21
N TYR A 195 5.56 -8.73 28.36
CA TYR A 195 4.15 -8.74 28.73
C TYR A 195 3.35 -9.40 27.61
N GLU A 196 2.38 -10.24 27.97
CA GLU A 196 1.58 -10.93 26.98
C GLU A 196 0.10 -10.93 27.31
N VAL A 197 -0.73 -10.78 26.29
CA VAL A 197 -2.17 -10.81 26.45
C VAL A 197 -2.77 -11.25 25.13
N SER A 198 -3.82 -12.07 25.20
CA SER A 198 -4.47 -12.56 23.99
C SER A 198 -5.96 -12.72 24.19
N TYR A 199 -6.68 -12.87 23.09
CA TYR A 199 -8.11 -13.01 23.13
C TYR A 199 -8.65 -13.57 21.82
N GLU A 200 -9.66 -14.41 21.91
CA GLU A 200 -10.25 -15.02 20.73
C GLU A 200 -11.38 -14.14 20.22
N VAL A 201 -11.31 -13.75 18.96
CA VAL A 201 -12.33 -12.89 18.38
C VAL A 201 -12.54 -13.14 16.89
N ASP A 202 -13.80 -13.21 16.47
CA ASP A 202 -14.13 -13.44 15.07
C ASP A 202 -14.19 -12.05 14.42
N VAL A 203 -13.12 -11.66 13.75
CA VAL A 203 -13.08 -10.34 13.12
C VAL A 203 -14.21 -10.08 12.14
N ARG A 204 -14.76 -11.13 11.55
CA ARG A 204 -15.84 -10.99 10.59
C ARG A 204 -17.14 -10.45 11.17
N SER A 205 -17.39 -10.72 12.45
CA SER A 205 -18.61 -10.23 13.07
C SER A 205 -18.43 -8.85 13.71
N VAL A 206 -17.23 -8.29 13.57
CA VAL A 206 -16.95 -6.99 14.16
C VAL A 206 -16.62 -5.90 13.15
N LEU A 207 -15.78 -6.24 12.18
CA LEU A 207 -15.36 -5.28 11.16
C LEU A 207 -15.79 -5.67 9.76
N PRO A 208 -15.89 -4.68 8.85
CA PRO A 208 -16.28 -4.91 7.45
C PRO A 208 -15.14 -5.65 6.75
N GLU A 209 -15.35 -6.04 5.49
CA GLU A 209 -14.32 -6.75 4.74
C GLU A 209 -13.05 -5.93 4.49
N TRP A 210 -13.22 -4.64 4.25
CA TRP A 210 -12.09 -3.75 4.03
C TRP A 210 -11.95 -2.77 5.18
N VAL A 211 -10.72 -2.59 5.65
CA VAL A 211 -10.45 -1.69 6.78
C VAL A 211 -9.18 -0.90 6.57
N ARG A 212 -8.90 -0.01 7.52
CA ARG A 212 -7.67 0.75 7.55
C ARG A 212 -7.06 0.52 8.93
N VAL A 213 -5.74 0.57 9.01
CA VAL A 213 -5.05 0.34 10.27
C VAL A 213 -4.20 1.55 10.63
N GLY A 214 -3.99 1.78 11.92
CA GLY A 214 -3.19 2.92 12.32
C GLY A 214 -2.98 3.02 13.81
N PHE A 215 -2.66 4.22 14.28
CA PHE A 215 -2.44 4.45 15.71
C PHE A 215 -3.14 5.71 16.16
N SER A 216 -3.51 5.72 17.43
CA SER A 216 -4.18 6.85 18.03
C SER A 216 -3.58 7.09 19.41
N ALA A 217 -3.59 8.36 19.84
CA ALA A 217 -3.06 8.72 21.17
C ALA A 217 -3.76 9.99 21.61
N ALA A 218 -3.77 10.23 22.91
CA ALA A 218 -4.42 11.41 23.47
C ALA A 218 -3.94 11.74 24.87
N SER A 219 -4.06 13.01 25.23
CA SER A 219 -3.70 13.51 26.55
C SER A 219 -4.80 14.47 26.98
N GLY A 220 -5.37 14.25 28.16
CA GLY A 220 -6.41 15.13 28.67
C GLY A 220 -5.75 16.15 29.60
N GLU A 221 -6.12 16.11 30.88
CA GLU A 221 -5.55 17.01 31.89
C GLU A 221 -4.07 16.66 32.10
N GLN A 222 -3.78 15.37 32.19
CA GLN A 222 -2.40 14.90 32.35
C GLN A 222 -1.84 14.65 30.95
N TYR A 223 -0.53 14.76 30.81
CA TYR A 223 0.10 14.59 29.52
C TYR A 223 1.45 13.88 29.49
N GLN A 224 1.86 13.53 28.28
CA GLN A 224 3.12 12.85 28.02
C GLN A 224 3.20 12.79 26.50
N THR A 225 4.41 12.62 25.98
CA THR A 225 4.57 12.50 24.54
C THR A 225 4.23 11.06 24.15
N HIS A 226 3.66 10.87 22.96
CA HIS A 226 3.36 9.53 22.46
C HIS A 226 4.10 9.47 21.14
N THR A 227 5.33 8.97 21.20
CA THR A 227 6.22 8.90 20.05
C THR A 227 6.29 7.53 19.38
N LEU A 228 5.78 7.44 18.15
CA LEU A 228 5.81 6.20 17.39
C LEU A 228 7.12 6.23 16.61
N GLU A 229 8.01 5.29 16.90
CA GLU A 229 9.33 5.24 16.29
C GLU A 229 9.50 4.37 15.06
N SER A 230 8.76 3.27 14.97
CA SER A 230 8.87 2.39 13.81
C SER A 230 7.60 1.56 13.70
N TRP A 231 7.38 1.00 12.51
CA TRP A 231 6.17 0.22 12.27
C TRP A 231 6.23 -0.59 10.97
N SER A 232 5.88 -1.87 11.05
CA SER A 232 5.83 -2.72 9.87
C SER A 232 4.53 -3.50 9.99
N PHE A 233 3.90 -3.79 8.86
CA PHE A 233 2.63 -4.49 8.85
C PHE A 233 2.52 -5.41 7.65
N THR A 234 1.85 -6.54 7.84
CA THR A 234 1.67 -7.49 6.76
C THR A 234 0.38 -8.29 7.00
N SER A 235 -0.42 -8.46 5.95
CA SER A 235 -1.64 -9.26 6.07
C SER A 235 -1.78 -10.11 4.82
N THR A 236 -2.29 -11.32 4.99
CA THR A 236 -2.47 -12.25 3.88
C THR A 236 -3.79 -13.00 4.03
N LEU A 237 -4.67 -12.95 3.02
CA LEU A 237 -5.94 -13.67 3.09
C LEU A 237 -5.68 -15.17 3.05
N LEU A 238 -6.28 -15.90 3.98
CA LEU A 238 -6.10 -17.35 4.03
C LEU A 238 -7.39 -18.16 4.12
N TYR A 239 -7.41 -19.28 3.41
CA TYR A 239 -8.56 -20.18 3.42
C TYR A 239 -8.45 -20.91 4.75
N THR A 240 -9.48 -20.83 5.57
CA THR A 240 -9.41 -21.50 6.86
C THR A 240 -10.59 -22.44 7.02
N ALA A 241 -10.31 -23.74 6.95
CA ALA A 241 -11.38 -24.70 7.10
C ALA A 241 -10.86 -25.92 7.84
N ASP B 2 9.94 2.50 3.68
CA ASP B 2 11.12 2.12 2.92
C ASP B 2 10.82 0.90 2.08
N SER B 3 9.87 0.09 2.52
CA SER B 3 9.49 -1.11 1.78
C SER B 3 7.98 -1.24 1.64
N LEU B 4 7.57 -1.79 0.52
CA LEU B 4 6.16 -1.98 0.21
C LEU B 4 5.98 -3.15 -0.74
N SER B 5 4.92 -3.91 -0.56
CA SER B 5 4.64 -5.03 -1.45
C SER B 5 3.15 -5.36 -1.42
N PHE B 6 2.65 -5.93 -2.51
CA PHE B 6 1.26 -6.30 -2.59
C PHE B 6 1.10 -7.37 -3.67
N GLY B 7 0.08 -8.20 -3.52
CA GLY B 7 -0.14 -9.27 -4.48
C GLY B 7 -1.58 -9.49 -4.88
N PHE B 8 -1.78 -9.59 -6.19
CA PHE B 8 -3.10 -9.83 -6.75
C PHE B 8 -3.09 -11.17 -7.49
N PRO B 9 -3.37 -12.28 -6.80
CA PRO B 9 -3.38 -13.56 -7.51
C PRO B 9 -4.44 -13.54 -8.61
N THR B 10 -5.53 -12.80 -8.35
CA THR B 10 -6.64 -12.61 -9.29
C THR B 10 -7.19 -11.22 -8.97
N PHE B 11 -8.19 -10.78 -9.75
CA PHE B 11 -8.77 -9.45 -9.55
C PHE B 11 -10.29 -9.45 -9.31
N PRO B 12 -10.74 -9.71 -8.07
CA PRO B 12 -12.18 -9.71 -7.77
C PRO B 12 -12.75 -8.33 -8.07
N SER B 13 -14.03 -8.25 -8.37
CA SER B 13 -14.64 -6.96 -8.72
C SER B 13 -14.66 -5.86 -7.66
N ASP B 14 -14.62 -6.20 -6.37
CA ASP B 14 -14.63 -5.10 -5.39
C ASP B 14 -13.23 -4.68 -4.98
N GLN B 15 -12.67 -3.74 -5.74
CA GLN B 15 -11.34 -3.23 -5.48
C GLN B 15 -11.40 -1.92 -4.74
N LYS B 16 -10.38 -1.62 -3.93
CA LYS B 16 -10.33 -0.38 -3.18
C LYS B 16 -9.03 0.37 -3.41
N ASN B 17 -7.96 -0.34 -3.72
CA ASN B 17 -6.66 0.28 -3.91
C ASN B 17 -6.15 0.45 -5.33
N LEU B 18 -7.04 0.39 -6.32
CA LEU B 18 -6.62 0.58 -7.70
C LEU B 18 -7.22 1.84 -8.27
N ILE B 19 -6.41 2.60 -9.00
CA ILE B 19 -6.89 3.80 -9.64
C ILE B 19 -7.16 3.39 -11.09
N PHE B 20 -8.42 3.51 -11.51
CA PHE B 20 -8.80 3.14 -12.87
C PHE B 20 -8.85 4.39 -13.73
N GLN B 21 -8.20 4.35 -14.89
CA GLN B 21 -8.21 5.49 -15.79
C GLN B 21 -8.67 5.02 -17.16
N GLY B 22 -9.39 5.88 -17.87
CA GLY B 22 -9.86 5.50 -19.20
C GLY B 22 -10.95 4.45 -19.16
N ASP B 23 -10.83 3.44 -20.03
CA ASP B 23 -11.83 2.38 -20.12
C ASP B 23 -11.54 1.14 -19.28
N ALA B 24 -10.45 1.16 -18.53
CA ALA B 24 -10.10 0.00 -17.72
C ALA B 24 -11.18 -0.37 -16.71
N GLN B 25 -11.44 -1.66 -16.55
CA GLN B 25 -12.42 -2.13 -15.60
C GLN B 25 -12.26 -3.63 -15.33
N ILE B 26 -12.81 -4.09 -14.22
CA ILE B 26 -12.71 -5.49 -13.84
C ILE B 26 -13.86 -6.32 -14.43
N LYS B 27 -13.50 -7.44 -15.06
CA LYS B 27 -14.49 -8.33 -15.65
C LYS B 27 -13.94 -9.75 -15.57
N ASN B 28 -14.72 -10.65 -14.96
CA ASN B 28 -14.32 -12.03 -14.82
C ASN B 28 -13.01 -12.23 -14.05
N ASN B 29 -12.87 -11.56 -12.90
CA ASN B 29 -11.69 -11.68 -12.05
C ASN B 29 -10.37 -11.28 -12.69
N ALA B 30 -10.44 -10.49 -13.75
CA ALA B 30 -9.26 -10.00 -14.45
C ALA B 30 -9.49 -8.54 -14.81
N VAL B 31 -8.40 -7.82 -15.08
CA VAL B 31 -8.53 -6.42 -15.46
C VAL B 31 -8.55 -6.30 -16.98
N GLN B 32 -9.65 -5.77 -17.51
CA GLN B 32 -9.72 -5.55 -18.95
C GLN B 32 -9.28 -4.11 -19.10
N LEU B 33 -8.06 -3.90 -19.57
CA LEU B 33 -7.53 -2.55 -19.74
C LEU B 33 -8.25 -1.79 -20.86
N THR B 34 -8.50 -2.47 -21.96
CA THR B 34 -9.19 -1.85 -23.08
C THR B 34 -10.66 -2.28 -23.12
N LYS B 35 -11.49 -1.45 -23.71
CA LYS B 35 -12.93 -1.69 -23.78
C LYS B 35 -13.36 -2.91 -24.60
N THR B 36 -14.45 -3.55 -24.16
CA THR B 36 -15.01 -4.72 -24.83
C THR B 36 -16.53 -4.57 -24.85
N ASP B 37 -17.18 -5.10 -25.89
CA ASP B 37 -18.63 -5.01 -25.97
C ASP B 37 -19.36 -5.97 -25.04
N SER B 38 -20.67 -6.09 -25.24
CA SER B 38 -21.51 -6.96 -24.43
C SER B 38 -21.11 -8.42 -24.53
N ASN B 39 -20.54 -8.80 -25.68
CA ASN B 39 -20.10 -10.18 -25.91
C ASN B 39 -18.65 -10.38 -25.46
N GLY B 40 -18.04 -9.34 -24.91
CA GLY B 40 -16.66 -9.44 -24.46
C GLY B 40 -15.66 -9.36 -25.60
N ASN B 41 -16.12 -8.87 -26.75
CA ASN B 41 -15.26 -8.74 -27.92
C ASN B 41 -14.60 -7.36 -27.92
N PRO B 42 -13.32 -7.29 -28.33
CA PRO B 42 -12.56 -6.04 -28.38
C PRO B 42 -13.11 -5.05 -29.39
N VAL B 43 -12.99 -3.76 -29.08
CA VAL B 43 -13.47 -2.70 -29.96
C VAL B 43 -12.33 -1.72 -30.21
N ALA B 44 -12.46 -0.91 -31.25
CA ALA B 44 -11.42 0.07 -31.59
C ALA B 44 -11.50 1.34 -30.74
N SER B 45 -10.48 2.19 -30.87
CA SER B 45 -10.40 3.47 -30.17
C SER B 45 -10.65 3.40 -28.68
N THR B 46 -9.77 2.71 -27.96
CA THR B 46 -9.91 2.60 -26.52
C THR B 46 -8.54 2.64 -25.84
N VAL B 47 -8.51 3.25 -24.66
CA VAL B 47 -7.30 3.37 -23.87
C VAL B 47 -7.72 3.16 -22.42
N GLY B 48 -6.83 2.58 -21.62
CA GLY B 48 -7.15 2.36 -20.24
C GLY B 48 -5.89 2.03 -19.46
N ARG B 49 -5.83 2.48 -18.21
CA ARG B 49 -4.67 2.22 -17.37
C ARG B 49 -5.15 2.00 -15.92
N ILE B 50 -4.31 1.38 -15.11
CA ILE B 50 -4.60 1.19 -13.70
C ILE B 50 -3.31 1.50 -12.96
N LEU B 51 -3.43 2.00 -11.74
CA LEU B 51 -2.28 2.33 -10.92
C LEU B 51 -2.60 1.88 -9.50
N PHE B 52 -1.58 1.46 -8.75
CA PHE B 52 -1.81 1.07 -7.39
C PHE B 52 -1.90 2.43 -6.69
N SER B 53 -2.81 2.57 -5.73
CA SER B 53 -2.99 3.84 -5.04
C SER B 53 -1.83 4.32 -4.18
N ALA B 54 -1.18 3.41 -3.45
CA ALA B 54 -0.07 3.81 -2.59
C ALA B 54 1.17 4.19 -3.41
N GLN B 55 1.80 5.30 -3.05
CA GLN B 55 2.99 5.75 -3.77
C GLN B 55 4.21 4.94 -3.33
N VAL B 56 5.11 4.70 -4.27
CA VAL B 56 6.32 3.91 -4.01
C VAL B 56 7.52 4.84 -3.85
N HIS B 57 8.32 4.60 -2.82
CA HIS B 57 9.51 5.43 -2.60
C HIS B 57 10.63 4.79 -3.41
N LEU B 58 10.85 5.31 -4.61
CA LEU B 58 11.86 4.79 -5.53
C LEU B 58 13.30 5.09 -5.09
N TRP B 59 13.53 6.32 -4.62
CA TRP B 59 14.86 6.70 -4.14
C TRP B 59 14.77 7.85 -3.15
N GLU B 60 15.81 8.00 -2.33
CA GLU B 60 15.82 9.03 -1.31
C GLU B 60 17.13 9.82 -1.36
N LYS B 61 17.03 11.08 -1.75
CA LYS B 61 18.21 11.94 -1.87
C LYS B 61 19.00 12.10 -0.57
N SER B 62 18.32 12.43 0.51
CA SER B 62 18.99 12.64 1.79
C SER B 62 19.84 11.46 2.25
N SER B 63 19.35 10.23 2.05
CA SER B 63 20.11 9.05 2.48
C SER B 63 20.92 8.37 1.38
N SER B 64 20.81 8.88 0.15
CA SER B 64 21.55 8.31 -0.97
C SER B 64 21.17 6.84 -1.25
N ARG B 65 19.93 6.48 -0.96
CA ARG B 65 19.45 5.11 -1.19
C ARG B 65 18.59 5.04 -2.45
N VAL B 66 18.55 3.85 -3.05
CA VAL B 66 17.75 3.61 -4.25
C VAL B 66 17.06 2.27 -4.08
N ALA B 67 15.80 2.20 -4.48
CA ALA B 67 15.02 0.99 -4.33
C ALA B 67 15.35 -0.18 -5.25
N ASN B 68 15.23 -1.38 -4.69
CA ASN B 68 15.41 -2.62 -5.42
C ASN B 68 13.95 -3.03 -5.56
N PHE B 69 13.48 -3.30 -6.76
CA PHE B 69 12.09 -3.70 -6.90
C PHE B 69 11.87 -4.83 -7.90
N GLN B 70 10.74 -5.51 -7.76
CA GLN B 70 10.38 -6.61 -8.65
C GLN B 70 8.89 -6.57 -8.92
N SER B 71 8.52 -6.83 -10.17
CA SER B 71 7.12 -6.84 -10.54
C SER B 71 6.87 -8.09 -11.40
N GLN B 72 6.04 -8.99 -10.88
CA GLN B 72 5.71 -10.23 -11.57
C GLN B 72 4.26 -10.10 -11.99
N PHE B 73 3.96 -10.44 -13.24
CA PHE B 73 2.59 -10.34 -13.71
C PHE B 73 2.34 -11.20 -14.94
N SER B 74 1.06 -11.45 -15.25
CA SER B 74 0.72 -12.24 -16.43
C SER B 74 -0.47 -11.62 -17.12
N PHE B 75 -0.49 -11.71 -18.44
CA PHE B 75 -1.59 -11.15 -19.21
C PHE B 75 -1.80 -12.01 -20.46
N SER B 76 -2.88 -11.73 -21.17
CA SER B 76 -3.20 -12.43 -22.40
C SER B 76 -3.85 -11.43 -23.35
N LEU B 77 -3.64 -11.64 -24.64
CA LEU B 77 -4.20 -10.76 -25.67
C LEU B 77 -5.06 -11.63 -26.58
N LYS B 78 -6.18 -11.10 -27.03
CA LYS B 78 -7.05 -11.89 -27.89
C LYS B 78 -7.71 -11.01 -28.95
N SER B 79 -7.76 -11.51 -30.19
CA SER B 79 -8.39 -10.75 -31.27
C SER B 79 -8.72 -11.59 -32.48
N PRO B 80 -9.91 -11.36 -33.09
CA PRO B 80 -10.33 -12.10 -34.27
C PRO B 80 -9.57 -11.62 -35.51
N LEU B 81 -8.88 -10.49 -35.36
CA LEU B 81 -8.10 -9.90 -36.46
C LEU B 81 -6.72 -10.55 -36.59
N SER B 82 -6.13 -10.45 -37.77
CA SER B 82 -4.81 -11.02 -37.99
C SER B 82 -3.72 -10.06 -37.48
N ASN B 83 -4.12 -8.82 -37.22
CA ASN B 83 -3.19 -7.80 -36.74
C ASN B 83 -3.67 -7.03 -35.50
N GLY B 84 -3.87 -7.74 -34.40
CA GLY B 84 -4.32 -7.10 -33.17
C GLY B 84 -3.37 -6.00 -32.70
N ALA B 85 -3.94 -4.91 -32.17
CA ALA B 85 -3.17 -3.77 -31.69
C ALA B 85 -3.82 -3.21 -30.43
N ASP B 86 -3.11 -2.36 -29.67
CA ASP B 86 -1.73 -1.93 -29.97
C ASP B 86 -0.66 -2.47 -29.03
N GLY B 87 -1.05 -2.88 -27.84
CA GLY B 87 -0.08 -3.41 -26.90
C GLY B 87 -0.38 -3.02 -25.46
N ILE B 88 0.34 -3.66 -24.54
CA ILE B 88 0.17 -3.41 -23.12
C ILE B 88 1.54 -3.08 -22.54
N ALA B 89 1.56 -2.22 -21.52
CA ALA B 89 2.82 -1.83 -20.90
C ALA B 89 2.73 -1.68 -19.39
N PHE B 90 3.81 -2.08 -18.72
CA PHE B 90 3.96 -1.93 -17.28
C PHE B 90 4.77 -0.64 -17.22
N PHE B 91 4.37 0.32 -16.38
CA PHE B 91 5.13 1.56 -16.32
C PHE B 91 5.27 2.15 -14.93
N ILE B 92 6.21 3.09 -14.82
CA ILE B 92 6.50 3.79 -13.58
C ILE B 92 6.53 5.26 -13.95
N ALA B 93 5.79 6.08 -13.21
CA ALA B 93 5.72 7.49 -13.51
C ALA B 93 5.38 8.33 -12.26
N PRO B 94 5.42 9.66 -12.39
CA PRO B 94 5.10 10.54 -11.27
C PRO B 94 3.70 10.21 -10.75
N PRO B 95 3.47 10.37 -9.44
CA PRO B 95 2.20 10.08 -8.78
C PRO B 95 0.93 10.67 -9.41
N ASP B 96 1.05 11.85 -10.01
CA ASP B 96 -0.11 12.51 -10.61
C ASP B 96 -0.34 12.22 -12.09
N THR B 97 0.28 11.16 -12.60
CA THR B 97 0.13 10.80 -14.01
C THR B 97 -1.30 10.49 -14.44
N THR B 98 -1.69 11.01 -15.59
CA THR B 98 -3.01 10.76 -16.16
C THR B 98 -2.82 10.49 -17.64
N ILE B 99 -3.84 9.92 -18.29
CA ILE B 99 -3.74 9.62 -19.71
C ILE B 99 -3.57 10.91 -20.51
N PRO B 100 -2.48 11.02 -21.28
CA PRO B 100 -2.18 12.19 -22.11
C PRO B 100 -3.18 12.35 -23.25
N SER B 101 -3.53 13.58 -23.57
CA SER B 101 -4.47 13.84 -24.65
C SER B 101 -3.91 13.31 -25.97
N GLY B 102 -4.71 12.51 -26.68
CA GLY B 102 -4.29 11.96 -27.96
C GLY B 102 -3.19 10.92 -27.87
N SER B 103 -3.14 10.19 -26.75
CA SER B 103 -2.13 9.17 -26.55
C SER B 103 -2.59 7.76 -26.91
N GLY B 104 -3.65 7.67 -27.71
CA GLY B 104 -4.17 6.37 -28.09
C GLY B 104 -3.32 5.62 -29.11
N GLY B 105 -3.82 4.47 -29.54
CA GLY B 105 -3.12 3.67 -30.53
C GLY B 105 -1.69 3.31 -30.16
N GLY B 106 -0.78 3.55 -31.10
CA GLY B 106 0.63 3.24 -30.90
C GLY B 106 1.33 3.97 -29.78
N LEU B 107 0.71 5.01 -29.23
CA LEU B 107 1.32 5.74 -28.12
C LEU B 107 1.02 5.07 -26.79
N LEU B 108 0.28 3.97 -26.86
CA LEU B 108 -0.05 3.13 -25.70
C LEU B 108 -0.62 3.81 -24.46
N GLY B 109 -1.17 5.01 -24.64
CA GLY B 109 -1.73 5.72 -23.50
C GLY B 109 -0.66 6.27 -22.56
N LEU B 110 0.59 6.27 -23.02
CA LEU B 110 1.71 6.76 -22.23
C LEU B 110 2.30 8.10 -22.67
N PHE B 111 2.23 8.41 -23.96
CA PHE B 111 2.80 9.66 -24.45
C PHE B 111 1.87 10.53 -25.29
N ALA B 112 2.12 11.83 -25.28
CA ALA B 112 1.36 12.79 -26.06
C ALA B 112 2.07 12.84 -27.40
N PRO B 113 1.33 12.98 -28.50
CA PRO B 113 1.91 13.03 -29.85
C PRO B 113 3.06 14.02 -30.06
N GLY B 114 2.87 15.25 -29.61
CA GLY B 114 3.88 16.28 -29.79
C GLY B 114 5.24 16.05 -29.16
N THR B 115 5.28 15.28 -28.08
CA THR B 115 6.54 15.03 -27.38
C THR B 115 6.83 13.55 -27.15
N ALA B 116 6.21 12.68 -27.96
CA ALA B 116 6.39 11.23 -27.81
C ALA B 116 7.84 10.76 -27.92
N GLN B 117 8.66 11.49 -28.68
CA GLN B 117 10.06 11.12 -28.82
C GLN B 117 11.03 12.16 -28.28
N ASN B 118 10.53 13.05 -27.42
CA ASN B 118 11.36 14.08 -26.82
C ASN B 118 11.65 13.59 -25.39
N THR B 119 12.81 12.99 -25.21
CA THR B 119 13.18 12.44 -23.90
C THR B 119 13.25 13.45 -22.74
N SER B 120 13.42 14.73 -23.05
CA SER B 120 13.51 15.71 -21.98
C SER B 120 12.14 16.27 -21.61
N ALA B 121 11.10 15.78 -22.28
CA ALA B 121 9.75 16.26 -22.01
C ALA B 121 8.93 15.23 -21.24
N ASN B 122 9.51 14.06 -21.03
CA ASN B 122 8.80 12.99 -20.33
C ASN B 122 9.55 12.47 -19.10
N GLN B 123 8.79 11.81 -18.23
CA GLN B 123 9.32 11.19 -17.02
C GLN B 123 8.56 9.88 -16.88
N VAL B 124 9.09 8.83 -17.51
CA VAL B 124 8.45 7.54 -17.45
C VAL B 124 9.37 6.44 -17.91
N ILE B 125 9.26 5.30 -17.25
CA ILE B 125 10.02 4.11 -17.62
C ILE B 125 8.94 3.05 -17.80
N ALA B 126 8.98 2.38 -18.93
CA ALA B 126 7.99 1.34 -19.19
C ALA B 126 8.56 0.17 -19.95
N VAL B 127 7.92 -0.98 -19.77
CA VAL B 127 8.28 -2.20 -20.47
C VAL B 127 7.05 -2.49 -21.31
N GLU B 128 7.20 -2.38 -22.63
CA GLU B 128 6.08 -2.61 -23.53
C GLU B 128 6.10 -3.95 -24.24
N PHE B 129 4.91 -4.44 -24.55
CA PHE B 129 4.72 -5.68 -25.30
C PHE B 129 3.90 -5.15 -26.46
N ASP B 130 4.63 -4.77 -27.51
CA ASP B 130 4.07 -4.12 -28.69
C ASP B 130 3.74 -5.07 -29.84
N THR B 131 2.47 -5.19 -30.18
CA THR B 131 2.02 -6.09 -31.24
C THR B 131 1.75 -5.46 -32.61
N PHE B 132 1.80 -4.13 -32.68
CA PHE B 132 1.52 -3.44 -33.95
C PHE B 132 2.74 -2.60 -34.34
N TYR B 133 3.28 -2.85 -35.52
CA TYR B 133 4.48 -2.17 -35.98
C TYR B 133 4.48 -1.67 -37.43
N ALA B 134 3.31 -1.38 -37.99
CA ALA B 134 3.24 -0.90 -39.36
C ALA B 134 4.17 0.30 -39.50
N GLN B 135 5.15 0.16 -40.40
CA GLN B 135 6.14 1.21 -40.63
C GLN B 135 5.62 2.56 -41.11
N ASP B 136 4.36 2.61 -41.55
CA ASP B 136 3.79 3.87 -42.02
C ASP B 136 3.16 4.69 -40.89
N SER B 137 2.75 4.03 -39.81
CA SER B 137 2.14 4.75 -38.69
C SER B 137 3.07 4.70 -37.48
N ASN B 138 3.53 3.52 -37.09
CA ASN B 138 4.44 3.40 -35.96
C ASN B 138 5.87 3.43 -36.49
N THR B 139 6.24 4.57 -37.06
CA THR B 139 7.56 4.77 -37.67
C THR B 139 8.76 4.53 -36.75
N TRP B 140 8.54 4.64 -35.44
CA TRP B 140 9.58 4.46 -34.44
C TRP B 140 9.84 3.00 -34.09
N ASP B 141 8.97 2.10 -34.51
CA ASP B 141 9.12 0.68 -34.21
C ASP B 141 9.96 -0.16 -35.16
N PRO B 142 10.55 -1.23 -34.63
CA PRO B 142 11.35 -2.14 -35.45
C PRO B 142 10.24 -2.85 -36.24
N ASN B 143 10.57 -3.53 -37.33
CA ASN B 143 9.52 -4.16 -38.12
C ASN B 143 9.11 -5.58 -37.72
N TYR B 144 8.60 -5.71 -36.49
CA TYR B 144 8.13 -6.99 -35.96
C TYR B 144 7.61 -6.83 -34.54
N PRO B 145 6.74 -7.75 -34.08
CA PRO B 145 6.23 -7.64 -32.71
C PRO B 145 7.43 -7.71 -31.77
N HIS B 146 7.40 -6.94 -30.69
CA HIS B 146 8.55 -6.88 -29.80
C HIS B 146 8.28 -6.48 -28.35
N ILE B 147 9.28 -6.71 -27.53
CA ILE B 147 9.25 -6.31 -26.12
C ILE B 147 10.24 -5.15 -26.12
N GLY B 148 9.86 -4.04 -25.51
CA GLY B 148 10.77 -2.90 -25.50
C GLY B 148 10.86 -2.18 -24.16
N ILE B 149 12.02 -1.61 -23.91
CA ILE B 149 12.25 -0.83 -22.68
C ILE B 149 12.17 0.62 -23.12
N ASP B 150 11.23 1.35 -22.54
CA ASP B 150 11.03 2.74 -22.89
C ASP B 150 11.49 3.68 -21.76
N VAL B 151 12.35 4.64 -22.11
CA VAL B 151 12.83 5.62 -21.15
C VAL B 151 12.56 7.01 -21.71
N ASN B 152 11.47 7.62 -21.27
CA ASN B 152 11.06 8.95 -21.69
C ASN B 152 10.73 9.09 -23.17
N SER B 153 10.55 7.98 -23.87
CA SER B 153 10.23 8.00 -25.30
C SER B 153 9.55 6.73 -25.80
N ILE B 154 8.66 6.87 -26.77
CA ILE B 154 7.94 5.75 -27.35
C ILE B 154 8.91 4.94 -28.24
N ARG B 155 10.04 5.54 -28.59
CA ARG B 155 11.07 4.85 -29.38
C ARG B 155 11.97 4.16 -28.36
N SER B 156 11.72 2.88 -28.15
CA SER B 156 12.47 2.09 -27.18
C SER B 156 14.00 2.24 -27.22
N VAL B 157 14.62 2.27 -26.03
CA VAL B 157 16.07 2.38 -25.96
C VAL B 157 16.61 1.00 -26.33
N LYS B 158 15.72 0.01 -26.30
CA LYS B 158 16.09 -1.35 -26.63
C LYS B 158 14.87 -2.24 -26.88
N THR B 159 14.99 -3.15 -27.84
CA THR B 159 13.91 -4.08 -28.17
C THR B 159 14.47 -5.45 -28.52
N VAL B 160 13.64 -6.47 -28.36
CA VAL B 160 14.00 -7.83 -28.72
C VAL B 160 12.76 -8.41 -29.39
N LYS B 161 12.96 -9.30 -30.36
CA LYS B 161 11.85 -9.92 -31.08
C LYS B 161 10.97 -10.74 -30.13
N TRP B 162 9.66 -10.65 -30.32
CA TRP B 162 8.70 -11.35 -29.47
C TRP B 162 7.56 -11.94 -30.30
N ASP B 163 7.02 -13.08 -29.87
CA ASP B 163 5.92 -13.70 -30.60
C ASP B 163 4.60 -13.51 -29.87
N ARG B 164 3.60 -12.99 -30.58
CA ARG B 164 2.26 -12.79 -30.04
C ARG B 164 1.50 -14.11 -30.18
N ARG B 165 0.93 -14.62 -29.09
CA ARG B 165 0.17 -15.86 -29.15
C ARG B 165 -1.24 -15.59 -28.64
N ASP B 166 -2.20 -15.61 -29.56
CA ASP B 166 -3.59 -15.31 -29.24
C ASP B 166 -4.18 -16.19 -28.14
N GLY B 167 -4.69 -15.54 -27.09
CA GLY B 167 -5.30 -16.28 -26.00
C GLY B 167 -4.37 -17.03 -25.08
N GLN B 168 -3.05 -16.84 -25.20
CA GLN B 168 -2.12 -17.51 -24.31
C GLN B 168 -1.52 -16.55 -23.32
N SER B 169 -1.50 -16.94 -22.05
CA SER B 169 -0.94 -16.09 -20.99
C SER B 169 0.58 -16.02 -21.04
N LEU B 170 1.10 -14.81 -20.86
CA LEU B 170 2.54 -14.59 -20.84
C LEU B 170 2.88 -14.18 -19.41
N ASN B 171 3.87 -14.85 -18.82
CA ASN B 171 4.31 -14.50 -17.47
C ASN B 171 5.56 -13.65 -17.58
N VAL B 172 5.57 -12.54 -16.87
CA VAL B 172 6.68 -11.60 -16.93
C VAL B 172 7.26 -11.23 -15.57
N LEU B 173 8.58 -11.17 -15.51
CA LEU B 173 9.25 -10.75 -14.28
C LEU B 173 10.14 -9.55 -14.62
N VAL B 174 9.84 -8.40 -13.99
CA VAL B 174 10.63 -7.20 -14.22
C VAL B 174 11.35 -6.86 -12.91
N THR B 175 12.67 -6.73 -12.96
CA THR B 175 13.44 -6.41 -11.75
C THR B 175 14.46 -5.30 -11.99
N PHE B 176 14.78 -4.59 -10.92
CA PHE B 176 15.77 -3.51 -10.97
C PHE B 176 16.72 -3.65 -9.78
N ASN B 177 18.01 -3.72 -10.08
CA ASN B 177 19.04 -3.84 -9.05
C ASN B 177 19.75 -2.49 -8.97
N PRO B 178 19.59 -1.75 -7.86
CA PRO B 178 20.24 -0.44 -7.69
C PRO B 178 21.77 -0.50 -7.68
N SER B 179 22.30 -1.66 -7.33
CA SER B 179 23.74 -1.86 -7.27
C SER B 179 24.38 -1.81 -8.66
N THR B 180 23.77 -2.49 -9.62
CA THR B 180 24.28 -2.54 -10.99
C THR B 180 23.52 -1.57 -11.91
N ARG B 181 22.38 -1.09 -11.43
CA ARG B 181 21.53 -0.20 -12.21
C ARG B 181 20.92 -0.91 -13.42
N ASN B 182 20.84 -2.23 -13.34
CA ASN B 182 20.27 -3.00 -14.43
C ASN B 182 18.77 -3.23 -14.27
N LEU B 183 18.04 -2.95 -15.34
CA LEU B 183 16.60 -3.19 -15.37
C LEU B 183 16.50 -4.46 -16.22
N ASP B 184 16.11 -5.57 -15.60
CA ASP B 184 15.99 -6.84 -16.31
C ASP B 184 14.54 -7.24 -16.55
N VAL B 185 14.30 -7.82 -17.73
CA VAL B 185 12.97 -8.29 -18.10
C VAL B 185 13.06 -9.73 -18.57
N VAL B 186 12.23 -10.61 -17.99
CA VAL B 186 12.18 -12.01 -18.37
C VAL B 186 10.72 -12.39 -18.58
N ALA B 187 10.39 -12.86 -19.78
CA ALA B 187 9.02 -13.24 -20.09
C ALA B 187 8.98 -14.66 -20.64
N THR B 188 7.95 -15.41 -20.26
CA THR B 188 7.80 -16.79 -20.71
C THR B 188 6.36 -17.23 -21.01
N TYR B 189 6.20 -18.15 -21.96
CA TYR B 189 4.90 -18.72 -22.27
C TYR B 189 4.89 -20.07 -21.54
N SER B 190 3.73 -20.70 -21.41
CA SER B 190 3.63 -21.97 -20.67
C SER B 190 4.37 -23.17 -21.25
N ASP B 191 4.85 -23.06 -22.47
CA ASP B 191 5.57 -24.17 -23.08
C ASP B 191 7.07 -24.03 -22.89
N GLY B 192 7.49 -23.01 -22.13
CA GLY B 192 8.91 -22.80 -21.89
C GLY B 192 9.60 -21.75 -22.75
N THR B 193 8.91 -21.26 -23.79
CA THR B 193 9.49 -20.24 -24.65
C THR B 193 9.83 -19.03 -23.80
N ARG B 194 11.07 -18.55 -23.93
CA ARG B 194 11.58 -17.46 -23.11
C ARG B 194 12.15 -16.27 -23.88
N TYR B 195 11.98 -15.07 -23.30
CA TYR B 195 12.50 -13.84 -23.89
C TYR B 195 13.19 -13.04 -22.79
N GLU B 196 14.36 -12.48 -23.10
CA GLU B 196 15.11 -11.69 -22.11
C GLU B 196 15.66 -10.40 -22.71
N VAL B 197 15.73 -9.37 -21.88
CA VAL B 197 16.27 -8.09 -22.30
C VAL B 197 16.56 -7.26 -21.06
N SER B 198 17.69 -6.57 -21.06
CA SER B 198 18.09 -5.73 -19.94
C SER B 198 18.71 -4.42 -20.38
N TYR B 199 18.74 -3.45 -19.48
CA TYR B 199 19.28 -2.14 -19.80
C TYR B 199 19.76 -1.46 -18.53
N GLU B 200 20.87 -0.74 -18.64
CA GLU B 200 21.44 -0.03 -17.50
C GLU B 200 20.85 1.38 -17.48
N VAL B 201 20.24 1.74 -16.36
CA VAL B 201 19.65 3.08 -16.24
C VAL B 201 19.62 3.55 -14.79
N ASP B 202 20.02 4.80 -14.58
CA ASP B 202 20.02 5.40 -13.26
C ASP B 202 18.63 5.99 -13.13
N VAL B 203 17.76 5.34 -12.37
CA VAL B 203 16.40 5.84 -12.23
C VAL B 203 16.32 7.23 -11.60
N ARG B 204 17.35 7.58 -10.81
CA ARG B 204 17.36 8.89 -10.14
C ARG B 204 17.42 10.07 -11.08
N SER B 205 17.91 9.88 -12.29
CA SER B 205 18.00 10.99 -13.24
C SER B 205 16.80 11.03 -14.17
N VAL B 206 15.91 10.06 -14.00
CA VAL B 206 14.72 9.95 -14.84
C VAL B 206 13.40 10.18 -14.11
N LEU B 207 13.32 9.68 -12.87
CA LEU B 207 12.09 9.80 -12.09
C LEU B 207 12.24 10.46 -10.73
N PRO B 208 11.16 11.05 -10.22
CA PRO B 208 11.19 11.70 -8.91
C PRO B 208 11.34 10.63 -7.82
N GLU B 209 11.55 11.06 -6.58
CA GLU B 209 11.73 10.13 -5.46
C GLU B 209 10.51 9.24 -5.20
N TRP B 210 9.32 9.80 -5.34
CA TRP B 210 8.09 9.04 -5.14
C TRP B 210 7.37 8.86 -6.47
N VAL B 211 6.89 7.66 -6.73
CA VAL B 211 6.19 7.36 -8.00
C VAL B 211 5.03 6.41 -7.78
N ARG B 212 4.28 6.18 -8.86
CA ARG B 212 3.18 5.22 -8.83
C ARG B 212 3.49 4.21 -9.94
N VAL B 213 3.03 2.98 -9.76
CA VAL B 213 3.27 1.93 -10.75
C VAL B 213 1.93 1.38 -11.23
N GLY B 214 1.92 0.88 -12.46
CA GLY B 214 0.70 0.33 -13.00
C GLY B 214 0.85 -0.19 -14.42
N PHE B 215 -0.27 -0.31 -15.12
CA PHE B 215 -0.28 -0.81 -16.47
C PHE B 215 -1.10 0.08 -17.38
N SER B 216 -0.74 0.07 -18.66
CA SER B 216 -1.45 0.86 -19.66
C SER B 216 -1.58 0.02 -20.92
N ALA B 217 -2.63 0.29 -21.70
CA ALA B 217 -2.86 -0.41 -22.94
C ALA B 217 -3.78 0.44 -23.81
N ALA B 218 -3.71 0.22 -25.12
CA ALA B 218 -4.55 0.96 -26.05
C ALA B 218 -4.77 0.20 -27.35
N SER B 219 -5.83 0.58 -28.06
CA SER B 219 -6.18 0.00 -29.35
C SER B 219 -6.65 1.19 -30.18
N GLY B 220 -6.14 1.30 -31.41
CA GLY B 220 -6.53 2.38 -32.28
C GLY B 220 -7.47 1.83 -33.33
N GLU B 221 -7.04 1.86 -34.59
CA GLU B 221 -7.83 1.34 -35.71
C GLU B 221 -7.98 -0.17 -35.56
N GLN B 222 -6.89 -0.84 -35.21
CA GLN B 222 -6.87 -2.29 -34.99
C GLN B 222 -7.05 -2.51 -33.49
N TYR B 223 -7.58 -3.66 -33.11
CA TYR B 223 -7.85 -3.92 -31.70
C TYR B 223 -7.66 -5.36 -31.24
N GLN B 224 -7.67 -5.51 -29.91
CA GLN B 224 -7.52 -6.80 -29.24
C GLN B 224 -7.76 -6.51 -27.77
N THR B 225 -8.07 -7.54 -26.99
CA THR B 225 -8.26 -7.34 -25.57
C THR B 225 -6.87 -7.33 -24.93
N HIS B 226 -6.74 -6.65 -23.80
CA HIS B 226 -5.48 -6.59 -23.05
C HIS B 226 -5.91 -6.94 -21.63
N THR B 227 -5.81 -8.23 -21.32
CA THR B 227 -6.26 -8.74 -20.02
C THR B 227 -5.15 -8.99 -19.01
N LEU B 228 -5.15 -8.24 -17.92
CA LEU B 228 -4.15 -8.44 -16.86
C LEU B 228 -4.77 -9.47 -15.93
N GLU B 229 -4.11 -10.62 -15.81
CA GLU B 229 -4.61 -11.72 -15.01
C GLU B 229 -4.14 -11.78 -13.57
N SER B 230 -2.90 -11.39 -13.33
CA SER B 230 -2.34 -11.38 -11.97
C SER B 230 -1.19 -10.38 -11.87
N TRP B 231 -0.88 -9.97 -10.64
CA TRP B 231 0.20 -9.01 -10.42
C TRP B 231 0.67 -8.94 -8.97
N SER B 232 1.98 -9.02 -8.78
CA SER B 232 2.55 -8.91 -7.43
C SER B 232 3.71 -7.94 -7.57
N PHE B 233 3.92 -7.10 -6.56
CA PHE B 233 4.98 -6.11 -6.60
C PHE B 233 5.64 -5.95 -5.24
N THR B 234 6.94 -5.67 -5.25
CA THR B 234 7.69 -5.46 -4.02
C THR B 234 8.88 -4.54 -4.27
N SER B 235 9.15 -3.65 -3.31
CA SER B 235 10.28 -2.74 -3.41
C SER B 235 10.84 -2.40 -2.03
N THR B 236 12.15 -2.24 -1.97
CA THR B 236 12.83 -1.91 -0.72
C THR B 236 14.01 -0.97 -0.97
N LEU B 237 14.08 0.10 -0.18
CA LEU B 237 15.18 1.07 -0.31
C LEU B 237 16.47 0.44 0.20
N LEU B 238 17.53 0.55 -0.60
CA LEU B 238 18.83 -0.01 -0.23
C LEU B 238 19.97 1.00 -0.39
N TYR B 239 20.96 0.90 0.49
CA TYR B 239 22.13 1.76 0.43
C TYR B 239 22.98 1.31 -0.75
N THR B 240 23.26 2.23 -1.67
CA THR B 240 24.07 1.92 -2.84
C THR B 240 25.50 2.41 -2.68
N ALA B 241 26.44 1.47 -2.62
CA ALA B 241 27.85 1.78 -2.46
C ALA B 241 28.71 0.88 -3.35
#